data_3WDF
#
_entry.id   3WDF
#
_cell.length_a   56.408
_cell.length_b   79.494
_cell.length_c   62.627
_cell.angle_alpha   90.00
_cell.angle_beta   112.06
_cell.angle_gamma   90.00
#
_symmetry.space_group_name_H-M   'P 1 21 1'
#
loop_
_entity.id
_entity.type
_entity.pdbx_description
1 polymer 'Uracil-DNA glycosylase'
2 water water
#
_entity_poly.entity_id   1
_entity_poly.type   'polypeptide(L)'
_entity_poly.pdbx_seq_one_letter_code
;MEWSQIFHDITTKHDFKAMHDFLEKEYSTAIVYPDRENIYQAFDLTPFENIKVVILGQDPYHGPNQAHGLAFSVQPNAKF
PPSLRNMYKELADDIGCVRQTPHLQDWAREGVLLLNTVLTVRQGEANSHRDIGWETFTDEIIKAVSDYKEHVVFILWGKP
AQQKIKLIDTSKHCIIKSVHPSPLSAYRGFFGSKPYSKANTYLESVGKSPINWCESEALEHHHHHH
;
_entity_poly.pdbx_strand_id   A,B
#
# COMPACT_ATOMS: atom_id res chain seq x y z
N MET A 1 6.13 -6.64 3.25
CA MET A 1 5.78 -6.31 4.66
C MET A 1 5.13 -7.52 5.28
N GLU A 2 5.61 -7.91 6.48
CA GLU A 2 5.06 -9.04 7.15
C GLU A 2 4.63 -8.68 8.56
N TRP A 3 3.70 -9.46 9.11
CA TRP A 3 3.23 -9.24 10.46
C TRP A 3 4.37 -9.14 11.48
N SER A 4 5.43 -9.94 11.36
CA SER A 4 6.51 -9.87 12.35
C SER A 4 7.04 -8.45 12.45
N GLN A 5 7.24 -7.77 11.32
CA GLN A 5 7.75 -6.40 11.32
C GLN A 5 6.75 -5.40 11.96
N ILE A 6 5.50 -5.53 11.56
CA ILE A 6 4.42 -4.72 12.12
C ILE A 6 4.27 -4.90 13.65
N PHE A 7 4.28 -6.15 14.10
CA PHE A 7 4.18 -6.41 15.52
C PHE A 7 5.38 -5.78 16.24
N HIS A 8 6.60 -5.98 15.70
CA HIS A 8 7.78 -5.39 16.34
C HIS A 8 7.67 -3.86 16.41
N ASP A 9 7.24 -3.23 15.31
CA ASP A 9 7.09 -1.77 15.29
C ASP A 9 6.11 -1.31 16.36
N ILE A 10 5.02 -2.04 16.53
CA ILE A 10 4.00 -1.65 17.52
C ILE A 10 4.51 -1.78 18.96
N THR A 11 5.23 -2.88 19.25
CA THR A 11 5.76 -3.11 20.58
C THR A 11 6.96 -2.17 20.89
N THR A 12 7.53 -1.56 19.85
CA THR A 12 8.58 -0.55 20.00
C THR A 12 7.97 0.80 20.33
N LYS A 13 6.81 1.10 19.75
CA LYS A 13 6.14 2.39 19.84
C LYS A 13 5.50 2.52 21.21
N HIS A 14 4.86 1.45 21.66
CA HIS A 14 4.12 1.46 22.92
C HIS A 14 4.72 0.44 23.87
N ASP A 15 4.64 0.74 25.17
CA ASP A 15 5.10 -0.18 26.22
C ASP A 15 4.02 -1.19 26.65
N PHE A 16 4.16 -2.41 26.15
CA PHE A 16 3.20 -3.48 26.47
C PHE A 16 3.61 -4.38 27.66
N LYS A 17 4.65 -4.00 28.41
CA LYS A 17 5.17 -4.85 29.47
C LYS A 17 4.10 -5.16 30.52
N ALA A 18 3.38 -4.13 31.00
CA ALA A 18 2.31 -4.39 31.97
C ALA A 18 1.25 -5.33 31.39
N MET A 19 0.87 -5.13 30.13
CA MET A 19 -0.13 -6.03 29.49
C MET A 19 0.39 -7.46 29.43
N HIS A 20 1.66 -7.64 29.04
CA HIS A 20 2.23 -8.99 28.89
C HIS A 20 2.28 -9.71 30.23
N ASP A 21 2.59 -8.95 31.27
CA ASP A 21 2.72 -9.47 32.65
C ASP A 21 1.34 -9.91 33.12
N PHE A 22 0.34 -9.09 32.81
CA PHE A 22 -1.03 -9.38 33.22
C PHE A 22 -1.51 -10.64 32.49
N LEU A 23 -1.24 -10.72 31.20
CA LEU A 23 -1.76 -11.88 30.46
C LEU A 23 -1.07 -13.19 30.92
N GLU A 24 0.24 -13.12 31.17
CA GLU A 24 0.98 -14.20 31.81
C GLU A 24 0.29 -14.70 33.09
N LYS A 25 -0.03 -13.76 33.97
CA LYS A 25 -0.70 -14.04 35.24
C LYS A 25 -2.07 -14.68 34.98
N GLU A 26 -2.85 -14.04 34.10
CA GLU A 26 -4.19 -14.49 33.80
C GLU A 26 -4.19 -15.91 33.24
N TYR A 27 -3.34 -16.20 32.27
CA TYR A 27 -3.26 -17.58 31.71
C TYR A 27 -2.82 -18.66 32.69
N SER A 28 -2.10 -18.28 33.73
CA SER A 28 -1.60 -19.30 34.68
C SER A 28 -2.54 -19.45 35.90
N THR A 29 -3.49 -18.51 36.00
CA THR A 29 -4.26 -18.24 37.22
C THR A 29 -5.78 -18.40 36.97
N ALA A 30 -6.19 -18.21 35.72
CA ALA A 30 -7.58 -18.23 35.35
C ALA A 30 -7.78 -19.01 34.05
N ILE A 31 -9.00 -19.01 33.55
CA ILE A 31 -9.32 -19.67 32.31
C ILE A 31 -9.47 -18.54 31.33
N VAL A 32 -8.52 -18.45 30.39
CA VAL A 32 -8.51 -17.41 29.40
C VAL A 32 -8.67 -17.97 27.98
N TYR A 33 -9.51 -17.31 27.18
CA TYR A 33 -9.76 -17.76 25.81
C TYR A 33 -9.30 -16.69 24.84
N PRO A 34 -8.89 -17.08 23.64
CA PRO A 34 -8.75 -18.47 23.18
C PRO A 34 -7.51 -19.13 23.80
N ASP A 35 -7.30 -20.42 23.48
CA ASP A 35 -6.05 -21.08 23.86
C ASP A 35 -4.89 -20.15 23.47
N ARG A 36 -3.89 -20.04 24.30
CA ARG A 36 -2.81 -19.10 24.07
C ARG A 36 -2.15 -19.25 22.70
N GLU A 37 -2.03 -20.48 22.19
CA GLU A 37 -1.38 -20.66 20.88
C GLU A 37 -2.22 -20.12 19.71
N ASN A 38 -3.48 -19.81 19.99
CA ASN A 38 -4.42 -19.28 18.99
C ASN A 38 -4.66 -17.80 19.08
N ILE A 39 -4.00 -17.06 19.97
CA ILE A 39 -4.37 -15.63 20.19
C ILE A 39 -4.21 -14.89 18.86
N TYR A 40 -3.23 -15.29 18.05
CA TYR A 40 -2.97 -14.54 16.79
C TYR A 40 -3.36 -15.41 15.58
N GLN A 41 -4.31 -16.32 15.72
CA GLN A 41 -4.63 -17.21 14.60
C GLN A 41 -5.06 -16.43 13.34
N ALA A 42 -5.79 -15.32 13.51
CA ALA A 42 -6.18 -14.50 12.34
C ALA A 42 -4.98 -14.09 11.49
N PHE A 43 -3.90 -13.73 12.17
CA PHE A 43 -2.64 -13.29 11.56
C PHE A 43 -1.87 -14.45 10.94
N ASP A 44 -1.85 -15.58 11.65
CA ASP A 44 -1.22 -16.79 11.14
C ASP A 44 -1.88 -17.24 9.82
N LEU A 45 -3.23 -17.22 9.80
CA LEU A 45 -3.92 -17.73 8.60
C LEU A 45 -4.02 -16.70 7.46
N THR A 46 -3.87 -15.41 7.79
CA THR A 46 -3.99 -14.33 6.80
C THR A 46 -2.73 -13.47 6.95
N PRO A 47 -1.62 -13.89 6.32
CA PRO A 47 -0.41 -13.07 6.21
C PRO A 47 -0.77 -11.73 5.65
N PHE A 48 0.04 -10.76 6.06
CA PHE A 48 -0.22 -9.37 5.69
C PHE A 48 -0.41 -9.21 4.18
N GLU A 49 0.46 -9.88 3.41
CA GLU A 49 0.39 -9.74 1.93
C GLU A 49 -0.91 -10.29 1.35
N ASN A 50 -1.60 -11.17 2.08
CA ASN A 50 -2.78 -11.86 1.55
C ASN A 50 -4.06 -11.15 1.91
N ILE A 51 -4.01 -10.10 2.73
CA ILE A 51 -5.26 -9.48 3.18
C ILE A 51 -6.00 -8.86 1.99
N LYS A 52 -7.27 -9.25 1.82
CA LYS A 52 -8.18 -8.62 0.90
C LYS A 52 -9.32 -7.92 1.63
N VAL A 53 -9.73 -8.47 2.81
CA VAL A 53 -10.89 -7.96 3.51
C VAL A 53 -10.50 -7.97 4.99
N VAL A 54 -10.94 -6.98 5.73
CA VAL A 54 -10.81 -6.97 7.19
C VAL A 54 -12.20 -6.92 7.75
N ILE A 55 -12.52 -7.84 8.68
CA ILE A 55 -13.79 -7.76 9.40
C ILE A 55 -13.46 -7.59 10.86
N LEU A 56 -13.98 -6.53 11.51
CA LEU A 56 -13.69 -6.30 12.94
C LEU A 56 -14.76 -6.97 13.81
N GLY A 57 -14.28 -7.63 14.85
CA GLY A 57 -15.13 -8.12 15.89
C GLY A 57 -14.97 -7.39 17.19
N GLN A 58 -15.48 -8.01 18.25
CA GLN A 58 -15.44 -7.39 19.55
C GLN A 58 -14.32 -8.06 20.39
N ASP A 59 -14.68 -8.72 21.49
CA ASP A 59 -13.70 -9.61 22.15
C ASP A 59 -14.04 -11.09 21.80
N PRO A 60 -13.16 -12.05 22.16
CA PRO A 60 -13.45 -13.43 21.76
C PRO A 60 -14.66 -13.97 22.48
N TYR A 61 -15.31 -14.96 21.87
CA TYR A 61 -16.31 -15.72 22.60
C TYR A 61 -15.72 -16.25 23.89
N HIS A 62 -16.56 -16.38 24.93
CA HIS A 62 -16.00 -16.64 26.25
C HIS A 62 -16.42 -17.97 26.83
N GLY A 63 -16.99 -18.83 25.99
CA GLY A 63 -17.40 -20.19 26.44
C GLY A 63 -16.40 -21.25 26.02
N PRO A 64 -16.46 -22.42 26.67
CA PRO A 64 -15.53 -23.51 26.32
C PRO A 64 -15.59 -23.88 24.88
N ASN A 65 -14.41 -24.00 24.30
CA ASN A 65 -14.27 -24.51 22.96
C ASN A 65 -14.84 -23.57 21.90
N GLN A 66 -15.17 -22.33 22.25
CA GLN A 66 -15.70 -21.46 21.21
C GLN A 66 -14.59 -20.76 20.47
N ALA A 67 -13.91 -19.85 21.16
CA ALA A 67 -12.96 -18.97 20.46
C ALA A 67 -11.71 -19.74 20.00
N HIS A 68 -11.18 -19.35 18.85
CA HIS A 68 -9.89 -19.90 18.47
C HIS A 68 -9.08 -18.87 17.69
N GLY A 69 -9.29 -17.57 17.95
CA GLY A 69 -8.39 -16.56 17.41
C GLY A 69 -8.86 -15.90 16.13
N LEU A 70 -10.05 -16.25 15.64
CA LEU A 70 -10.73 -15.51 14.56
C LEU A 70 -12.01 -14.83 15.02
N ALA A 71 -12.17 -13.55 14.65
CA ALA A 71 -13.44 -12.89 14.93
C ALA A 71 -14.62 -13.72 14.37
N PHE A 72 -15.71 -13.83 15.17
CA PHE A 72 -16.99 -14.47 14.77
C PHE A 72 -17.01 -15.96 14.56
N SER A 73 -15.88 -16.62 14.66
CA SER A 73 -15.74 -18.04 14.35
C SER A 73 -15.84 -18.89 15.63
N VAL A 74 -16.40 -20.10 15.50
CA VAL A 74 -16.31 -21.02 16.65
C VAL A 74 -15.78 -22.35 16.20
N GLN A 75 -15.28 -23.13 17.16
CA GLN A 75 -14.82 -24.45 16.82
C GLN A 75 -16.02 -25.37 16.60
N PRO A 76 -15.83 -26.47 15.88
CA PRO A 76 -16.81 -27.60 15.89
C PRO A 76 -17.17 -28.07 17.32
N ASN A 77 -18.42 -28.48 17.59
CA ASN A 77 -18.73 -29.00 18.96
C ASN A 77 -18.64 -27.91 20.07
N ALA A 78 -18.93 -26.69 19.67
CA ALA A 78 -19.04 -25.57 20.59
C ALA A 78 -20.43 -25.01 20.39
N LYS A 79 -20.92 -24.31 21.40
CA LYS A 79 -22.20 -23.59 21.24
C LYS A 79 -22.08 -22.57 20.09
N PHE A 80 -23.07 -22.58 19.20
CA PHE A 80 -23.03 -21.81 17.97
C PHE A 80 -23.63 -20.39 18.17
N PRO A 81 -22.84 -19.32 17.90
CA PRO A 81 -23.30 -17.97 18.31
C PRO A 81 -24.39 -17.41 17.38
N PRO A 82 -25.36 -16.69 17.97
CA PRO A 82 -26.42 -16.10 17.15
C PRO A 82 -25.94 -15.14 16.08
N SER A 83 -24.91 -14.34 16.36
CA SER A 83 -24.40 -13.40 15.32
C SER A 83 -23.86 -14.14 14.10
N LEU A 84 -23.16 -15.26 14.36
CA LEU A 84 -22.61 -16.10 13.29
C LEU A 84 -23.74 -16.76 12.52
N ARG A 85 -24.77 -17.24 13.21
CA ARG A 85 -25.93 -17.76 12.53
C ARG A 85 -26.53 -16.71 11.59
N ASN A 86 -26.64 -15.45 12.04
CA ASN A 86 -27.20 -14.38 11.17
C ASN A 86 -26.24 -14.05 10.01
N MET A 87 -24.92 -14.05 10.29
CA MET A 87 -23.92 -13.88 9.17
C MET A 87 -24.13 -14.94 8.10
N TYR A 88 -24.41 -16.18 8.54
CA TYR A 88 -24.58 -17.27 7.59
C TYR A 88 -25.90 -17.15 6.90
N LYS A 89 -26.94 -16.68 7.60
CA LYS A 89 -28.22 -16.49 6.91
C LYS A 89 -28.09 -15.45 5.80
N GLU A 90 -27.43 -14.32 6.13
CA GLU A 90 -27.24 -13.26 5.11
C GLU A 90 -26.36 -13.80 3.96
N LEU A 91 -25.34 -14.63 4.28
CA LEU A 91 -24.51 -15.18 3.22
C LEU A 91 -25.34 -16.02 2.25
N ALA A 92 -26.22 -16.86 2.79
CA ALA A 92 -27.06 -17.67 1.94
C ALA A 92 -28.00 -16.82 1.09
N ASP A 93 -28.50 -15.70 1.63
CA ASP A 93 -29.38 -14.80 0.88
C ASP A 93 -28.63 -13.94 -0.15
N ASP A 94 -27.36 -13.68 0.12
CA ASP A 94 -26.54 -12.78 -0.70
C ASP A 94 -25.80 -13.59 -1.79
N ILE A 95 -24.81 -14.38 -1.38
CA ILE A 95 -24.03 -15.18 -2.31
C ILE A 95 -24.76 -16.43 -2.73
N GLY A 96 -25.49 -17.08 -1.80
CA GLY A 96 -26.30 -18.25 -2.18
C GLY A 96 -25.92 -19.50 -1.42
N CYS A 97 -24.73 -19.53 -0.85
CA CYS A 97 -24.31 -20.77 -0.25
C CYS A 97 -24.70 -20.88 1.23
N VAL A 98 -25.04 -22.10 1.64
CA VAL A 98 -25.34 -22.37 3.02
C VAL A 98 -24.11 -23.02 3.64
N ARG A 99 -23.42 -22.33 4.57
CA ARG A 99 -22.26 -22.92 5.22
C ARG A 99 -22.67 -23.89 6.32
N GLN A 100 -21.96 -25.02 6.38
CA GLN A 100 -22.12 -26.04 7.41
C GLN A 100 -20.94 -26.01 8.39
N THR A 101 -19.76 -25.61 7.91
CA THR A 101 -18.59 -25.53 8.74
C THR A 101 -18.76 -24.34 9.70
N PRO A 102 -18.62 -24.57 11.02
CA PRO A 102 -18.94 -23.48 12.00
C PRO A 102 -17.77 -22.47 12.17
N HIS A 103 -16.60 -22.86 11.65
CA HIS A 103 -15.42 -22.02 11.82
C HIS A 103 -15.12 -21.35 10.48
N LEU A 104 -14.34 -20.27 10.57
CA LEU A 104 -14.12 -19.37 9.41
C LEU A 104 -12.69 -19.47 8.90
N GLN A 105 -12.00 -20.59 9.12
CA GLN A 105 -10.62 -20.68 8.65
C GLN A 105 -10.57 -20.56 7.13
N ASP A 106 -11.62 -21.00 6.43
CA ASP A 106 -11.75 -20.87 4.96
C ASP A 106 -11.59 -19.38 4.62
N TRP A 107 -12.35 -18.52 5.31
CA TRP A 107 -12.35 -17.10 4.99
C TRP A 107 -10.96 -16.54 5.26
N ALA A 108 -10.35 -16.92 6.40
CA ALA A 108 -9.02 -16.42 6.69
C ALA A 108 -8.06 -16.81 5.56
N ARG A 109 -8.08 -18.08 5.14
CA ARG A 109 -7.19 -18.50 4.06
C ARG A 109 -7.42 -17.74 2.75
N GLU A 110 -8.67 -17.36 2.47
CA GLU A 110 -9.02 -16.57 1.29
C GLU A 110 -8.53 -15.16 1.37
N GLY A 111 -8.09 -14.69 2.55
CA GLY A 111 -7.59 -13.29 2.68
C GLY A 111 -8.49 -12.40 3.55
N VAL A 112 -9.39 -13.02 4.32
CA VAL A 112 -10.23 -12.24 5.22
C VAL A 112 -9.58 -12.21 6.62
N LEU A 113 -9.09 -11.04 7.02
CA LEU A 113 -8.49 -10.87 8.35
C LEU A 113 -9.61 -10.68 9.36
N LEU A 114 -9.80 -11.69 10.21
CA LEU A 114 -10.94 -11.73 11.14
C LEU A 114 -10.47 -11.23 12.51
N LEU A 115 -10.46 -9.91 12.67
CA LEU A 115 -9.72 -9.20 13.71
C LEU A 115 -10.68 -8.76 14.82
N ASN A 116 -10.67 -9.49 15.95
CA ASN A 116 -11.29 -8.94 17.17
C ASN A 116 -10.51 -7.71 17.61
N THR A 117 -11.19 -6.73 18.25
CA THR A 117 -10.43 -5.58 18.71
C THR A 117 -9.75 -5.82 20.05
N VAL A 118 -10.27 -6.84 20.77
CA VAL A 118 -9.69 -7.28 22.04
C VAL A 118 -9.44 -8.77 21.85
N LEU A 119 -8.22 -9.24 22.15
CA LEU A 119 -7.83 -10.60 21.67
C LEU A 119 -7.86 -11.68 22.74
N THR A 120 -8.22 -11.35 23.99
CA THR A 120 -8.38 -12.37 25.04
C THR A 120 -9.60 -12.06 25.89
N VAL A 121 -10.04 -13.05 26.66
CA VAL A 121 -11.21 -12.85 27.57
C VAL A 121 -11.16 -13.95 28.61
N ARG A 122 -11.60 -13.64 29.84
CA ARG A 122 -11.75 -14.72 30.82
C ARG A 122 -13.04 -15.50 30.54
N GLN A 123 -13.00 -16.82 30.80
CA GLN A 123 -14.18 -17.65 30.62
C GLN A 123 -15.42 -17.07 31.31
N GLY A 124 -16.48 -16.91 30.53
CA GLY A 124 -17.79 -16.56 31.08
C GLY A 124 -17.90 -15.10 31.44
N GLU A 125 -16.87 -14.30 31.09
CA GLU A 125 -16.87 -12.86 31.47
C GLU A 125 -16.65 -11.96 30.28
N ALA A 126 -17.74 -11.64 29.60
CA ALA A 126 -17.61 -10.75 28.43
C ALA A 126 -16.92 -9.44 28.84
N ASN A 127 -16.02 -8.96 27.99
CA ASN A 127 -15.32 -7.69 28.16
C ASN A 127 -14.34 -7.68 29.29
N SER A 128 -14.05 -8.86 29.87
CA SER A 128 -13.17 -8.87 31.01
C SER A 128 -11.74 -8.37 30.71
N HIS A 129 -11.31 -8.45 29.45
CA HIS A 129 -9.97 -7.94 29.11
C HIS A 129 -10.03 -6.67 28.26
N ARG A 130 -11.13 -5.94 28.39
CA ARG A 130 -11.19 -4.60 27.80
C ARG A 130 -10.20 -3.67 28.53
N ASP A 131 -9.66 -2.70 27.80
CA ASP A 131 -8.80 -1.65 28.37
C ASP A 131 -7.57 -2.14 29.14
N ILE A 132 -6.98 -3.23 28.66
CA ILE A 132 -5.67 -3.70 29.16
C ILE A 132 -4.52 -3.45 28.18
N GLY A 133 -4.81 -2.84 27.02
CA GLY A 133 -3.81 -2.67 26.00
C GLY A 133 -4.20 -3.22 24.63
N TRP A 134 -5.20 -4.12 24.53
CA TRP A 134 -5.44 -4.74 23.23
C TRP A 134 -5.93 -3.70 22.24
N GLU A 135 -6.75 -2.75 22.67
CA GLU A 135 -7.32 -1.74 21.75
C GLU A 135 -6.23 -0.87 21.13
N THR A 136 -5.19 -0.57 21.91
CA THR A 136 -4.03 0.15 21.33
C THR A 136 -3.37 -0.72 20.26
N PHE A 137 -3.20 -2.02 20.56
CA PHE A 137 -2.56 -2.92 19.62
C PHE A 137 -3.37 -3.05 18.31
N THR A 138 -4.67 -3.38 18.43
CA THR A 138 -5.52 -3.62 17.24
C THR A 138 -5.82 -2.32 16.47
N ASP A 139 -5.88 -1.17 17.14
CA ASP A 139 -5.91 0.11 16.38
C ASP A 139 -4.66 0.22 15.50
N GLU A 140 -3.50 -0.11 16.07
CA GLU A 140 -2.24 0.03 15.28
C GLU A 140 -2.23 -1.01 14.17
N ILE A 141 -2.79 -2.19 14.41
CA ILE A 141 -2.97 -3.17 13.30
C ILE A 141 -3.84 -2.61 12.18
N ILE A 142 -5.00 -2.06 12.52
CA ILE A 142 -5.88 -1.47 11.50
C ILE A 142 -5.17 -0.40 10.70
N LYS A 143 -4.48 0.48 11.42
CA LYS A 143 -3.77 1.56 10.77
C LYS A 143 -2.66 1.00 9.86
N ALA A 144 -1.97 -0.07 10.27
CA ALA A 144 -0.87 -0.65 9.45
C ALA A 144 -1.47 -1.25 8.19
N VAL A 145 -2.62 -1.90 8.32
CA VAL A 145 -3.24 -2.43 7.12
C VAL A 145 -3.61 -1.29 6.15
N SER A 146 -4.23 -0.23 6.67
CA SER A 146 -4.63 0.86 5.80
C SER A 146 -3.39 1.50 5.18
N ASP A 147 -2.34 1.72 5.99
CA ASP A 147 -1.13 2.48 5.53
C ASP A 147 -0.38 1.69 4.46
N TYR A 148 -0.16 0.39 4.69
CA TYR A 148 0.82 -0.35 3.86
C TYR A 148 0.18 -1.18 2.76
N LYS A 149 -1.14 -1.34 2.79
CA LYS A 149 -1.83 -2.02 1.69
C LYS A 149 -2.60 -1.01 0.83
N GLU A 150 -3.02 -1.42 -0.36
CA GLU A 150 -4.00 -0.69 -1.17
C GLU A 150 -5.14 -1.60 -1.54
N HIS A 151 -6.34 -1.03 -1.67
CA HIS A 151 -7.48 -1.73 -2.21
C HIS A 151 -7.93 -2.92 -1.39
N VAL A 152 -8.04 -2.69 -0.08
CA VAL A 152 -8.59 -3.66 0.88
C VAL A 152 -10.01 -3.25 1.22
N VAL A 153 -10.89 -4.22 1.49
CA VAL A 153 -12.25 -3.94 1.95
C VAL A 153 -12.29 -4.00 3.46
N PHE A 154 -12.79 -2.96 4.11
CA PHE A 154 -12.96 -3.00 5.57
C PHE A 154 -14.46 -3.09 5.84
N ILE A 155 -14.88 -4.16 6.50
CA ILE A 155 -16.30 -4.38 6.77
C ILE A 155 -16.50 -4.07 8.24
N LEU A 156 -17.30 -3.03 8.48
CA LEU A 156 -17.44 -2.46 9.84
C LEU A 156 -18.89 -2.58 10.29
N TRP A 157 -19.14 -3.61 11.10
CA TRP A 157 -20.49 -3.96 11.56
C TRP A 157 -20.69 -3.42 12.97
N GLY A 158 -21.69 -2.52 13.09
CA GLY A 158 -21.93 -1.85 14.38
C GLY A 158 -21.20 -0.51 14.55
N LYS A 159 -21.79 0.37 15.32
CA LYS A 159 -21.18 1.69 15.55
C LYS A 159 -19.76 1.66 16.15
N PRO A 160 -19.51 0.81 17.15
CA PRO A 160 -18.13 0.79 17.67
C PRO A 160 -17.07 0.45 16.59
N ALA A 161 -17.37 -0.50 15.69
CA ALA A 161 -16.43 -0.84 14.61
C ALA A 161 -16.28 0.37 13.69
N GLN A 162 -17.40 1.04 13.47
CA GLN A 162 -17.38 2.21 12.55
C GLN A 162 -16.52 3.37 13.10
N GLN A 163 -16.26 3.40 14.41
CA GLN A 163 -15.36 4.44 14.92
C GLN A 163 -13.95 4.28 14.34
N LYS A 164 -13.63 3.10 13.83
CA LYS A 164 -12.28 2.88 13.29
C LYS A 164 -12.11 3.46 11.89
N ILE A 165 -13.18 4.05 11.30
CA ILE A 165 -13.07 4.71 9.99
C ILE A 165 -11.94 5.75 10.07
N LYS A 166 -11.75 6.35 11.24
CA LYS A 166 -10.66 7.33 11.45
C LYS A 166 -9.24 6.82 11.19
N LEU A 167 -9.05 5.52 11.22
CA LEU A 167 -7.75 4.91 11.02
C LEU A 167 -7.57 4.43 9.57
N ILE A 168 -8.61 4.60 8.74
CA ILE A 168 -8.62 3.97 7.41
C ILE A 168 -8.60 5.05 6.31
N ASP A 169 -7.76 4.85 5.31
CA ASP A 169 -7.63 5.83 4.24
C ASP A 169 -8.65 5.45 3.14
N THR A 170 -9.75 6.20 3.11
CA THR A 170 -10.87 5.91 2.25
C THR A 170 -10.59 6.21 0.78
N SER A 171 -9.46 6.83 0.51
CA SER A 171 -9.08 7.07 -0.89
C SER A 171 -8.38 5.84 -1.49
N LYS A 172 -7.98 4.90 -0.63
CA LYS A 172 -7.20 3.71 -1.07
C LYS A 172 -7.98 2.43 -0.80
N HIS A 173 -9.02 2.51 0.03
CA HIS A 173 -9.70 1.29 0.53
C HIS A 173 -11.19 1.44 0.46
N CYS A 174 -11.91 0.33 0.48
CA CYS A 174 -13.34 0.33 0.49
C CYS A 174 -13.84 0.14 1.90
N ILE A 175 -14.85 0.91 2.28
CA ILE A 175 -15.53 0.67 3.56
C ILE A 175 -16.96 0.24 3.33
N ILE A 176 -17.30 -0.91 3.91
CA ILE A 176 -18.68 -1.38 3.92
C ILE A 176 -19.15 -1.33 5.36
N LYS A 177 -20.29 -0.66 5.58
CA LYS A 177 -20.76 -0.52 6.93
C LYS A 177 -22.24 -0.81 7.05
N SER A 178 -22.60 -1.35 8.21
CA SER A 178 -23.99 -1.58 8.52
C SER A 178 -24.10 -1.81 10.01
N VAL A 179 -25.34 -1.98 10.45
CA VAL A 179 -25.55 -2.43 11.82
C VAL A 179 -24.95 -3.87 11.98
N HIS A 180 -24.82 -4.26 13.23
CA HIS A 180 -24.17 -5.54 13.58
C HIS A 180 -25.10 -6.74 13.33
N PRO A 181 -24.53 -7.91 13.04
CA PRO A 181 -25.36 -9.09 12.82
C PRO A 181 -26.05 -9.71 14.06
N SER A 182 -25.76 -9.21 15.26
CA SER A 182 -26.47 -9.70 16.44
C SER A 182 -28.00 -9.61 16.19
N PRO A 183 -28.79 -10.53 16.72
CA PRO A 183 -30.26 -10.43 16.76
C PRO A 183 -30.77 -9.08 17.28
N LEU A 184 -30.02 -8.43 18.15
CA LEU A 184 -30.52 -7.13 18.68
C LEU A 184 -30.52 -6.02 17.65
N SER A 185 -29.79 -6.19 16.55
CA SER A 185 -29.73 -5.14 15.52
C SER A 185 -29.92 -5.65 14.09
N ALA A 186 -29.83 -6.95 13.89
CA ALA A 186 -29.76 -7.46 12.49
C ALA A 186 -30.95 -7.09 11.58
N TYR A 187 -32.14 -6.93 12.14
CA TYR A 187 -33.35 -6.72 11.33
C TYR A 187 -33.53 -5.24 10.97
N ARG A 188 -32.63 -4.39 11.47
CA ARG A 188 -32.66 -3.00 11.02
C ARG A 188 -31.46 -2.61 10.14
N GLY A 189 -31.04 -3.55 9.31
CA GLY A 189 -30.13 -3.20 8.21
C GLY A 189 -29.02 -4.19 7.95
N PHE A 190 -28.81 -5.20 8.81
CA PHE A 190 -27.85 -6.24 8.47
C PHE A 190 -28.42 -7.19 7.41
N PHE A 191 -29.64 -7.74 7.64
CA PHE A 191 -30.22 -8.57 6.63
C PHE A 191 -30.54 -7.74 5.39
N GLY A 192 -30.16 -8.26 4.24
CA GLY A 192 -30.28 -7.53 2.98
C GLY A 192 -29.12 -6.59 2.66
N SER A 193 -28.17 -6.48 3.57
CA SER A 193 -27.03 -5.59 3.33
C SER A 193 -25.96 -6.12 2.34
N LYS A 194 -25.99 -7.42 2.06
CA LYS A 194 -25.11 -8.01 1.01
C LYS A 194 -23.62 -7.63 1.15
N PRO A 195 -23.03 -7.81 2.34
CA PRO A 195 -21.65 -7.34 2.48
C PRO A 195 -20.69 -8.20 1.64
N TYR A 196 -21.05 -9.47 1.44
CA TYR A 196 -20.10 -10.40 0.86
C TYR A 196 -19.97 -10.16 -0.64
N SER A 197 -21.12 -10.00 -1.31
CA SER A 197 -21.07 -9.62 -2.70
C SER A 197 -20.60 -8.20 -2.92
N LYS A 198 -20.95 -7.27 -2.02
CA LYS A 198 -20.39 -5.91 -2.18
C LYS A 198 -18.85 -5.94 -2.11
N ALA A 199 -18.33 -6.75 -1.19
CA ALA A 199 -16.88 -6.85 -1.05
C ALA A 199 -16.28 -7.41 -2.35
N ASN A 200 -16.88 -8.47 -2.89
CA ASN A 200 -16.38 -9.07 -4.11
C ASN A 200 -16.45 -8.15 -5.33
N THR A 201 -17.52 -7.36 -5.41
CA THR A 201 -17.68 -6.40 -6.52
C THR A 201 -16.56 -5.40 -6.47
N TYR A 202 -16.23 -4.92 -5.26
CA TYR A 202 -15.11 -3.98 -5.10
C TYR A 202 -13.82 -4.65 -5.55
N LEU A 203 -13.56 -5.86 -5.02
CA LEU A 203 -12.29 -6.54 -5.32
C LEU A 203 -12.15 -6.72 -6.80
N GLU A 204 -13.20 -7.16 -7.48
CA GLU A 204 -13.13 -7.32 -8.93
C GLU A 204 -12.87 -6.01 -9.66
N SER A 205 -13.43 -4.93 -9.14
CA SER A 205 -13.26 -3.63 -9.80
C SER A 205 -11.82 -3.14 -9.77
N VAL A 206 -11.03 -3.64 -8.81
CA VAL A 206 -9.62 -3.24 -8.70
C VAL A 206 -8.67 -4.34 -9.16
N GLY A 207 -9.21 -5.34 -9.83
CA GLY A 207 -8.39 -6.34 -10.47
C GLY A 207 -8.00 -7.49 -9.58
N LYS A 208 -8.67 -7.61 -8.42
CA LYS A 208 -8.42 -8.74 -7.52
C LYS A 208 -9.44 -9.85 -7.66
N SER A 209 -9.04 -11.08 -7.36
CA SER A 209 -10.03 -12.14 -7.41
C SER A 209 -10.92 -12.05 -6.16
N PRO A 210 -12.20 -12.48 -6.31
CA PRO A 210 -13.12 -12.42 -5.19
C PRO A 210 -12.76 -13.42 -4.08
N ILE A 211 -13.31 -13.11 -2.90
CA ILE A 211 -13.31 -14.10 -1.83
C ILE A 211 -14.25 -15.24 -2.15
N ASN A 212 -13.76 -16.46 -1.94
CA ASN A 212 -14.68 -17.60 -1.94
C ASN A 212 -15.24 -17.70 -0.52
N TRP A 213 -16.46 -17.23 -0.31
CA TRP A 213 -17.05 -17.23 1.06
C TRP A 213 -17.66 -18.57 1.38
N CYS A 214 -17.76 -19.44 0.37
CA CYS A 214 -18.51 -20.68 0.54
C CYS A 214 -17.65 -21.84 1.08
N GLU A 215 -18.27 -23.00 1.21
CA GLU A 215 -17.51 -24.20 1.57
C GLU A 215 -16.47 -24.51 0.51
N SER A 216 -15.29 -24.93 0.95
CA SER A 216 -14.25 -25.37 -0.01
C SER A 216 -14.18 -26.89 -0.05
N MET B 1 -4.27 8.63 0.06
CA MET B 1 -2.94 9.31 0.32
C MET B 1 -2.60 10.17 -0.88
N GLU B 2 -2.26 11.43 -0.64
CA GLU B 2 -1.92 12.36 -1.72
C GLU B 2 -0.53 12.93 -1.51
N TRP B 3 0.06 13.47 -2.59
CA TRP B 3 1.38 14.09 -2.45
C TRP B 3 1.42 15.21 -1.42
N SER B 4 0.36 16.01 -1.35
CA SER B 4 0.38 17.08 -0.36
C SER B 4 0.71 16.58 1.05
N GLN B 5 0.10 15.45 1.43
CA GLN B 5 0.35 14.90 2.77
C GLN B 5 1.77 14.35 2.90
N ILE B 6 2.22 13.62 1.89
CA ILE B 6 3.61 13.14 1.89
C ILE B 6 4.61 14.29 1.98
N PHE B 7 4.41 15.33 1.15
CA PHE B 7 5.34 16.46 1.21
C PHE B 7 5.38 17.08 2.59
N HIS B 8 4.19 17.26 3.22
CA HIS B 8 4.14 17.89 4.53
C HIS B 8 4.88 16.98 5.53
N ASP B 9 4.63 15.67 5.43
CA ASP B 9 5.31 14.74 6.35
C ASP B 9 6.82 14.84 6.21
N ILE B 10 7.31 14.97 4.99
CA ILE B 10 8.76 15.02 4.78
C ILE B 10 9.37 16.30 5.35
N THR B 11 8.66 17.41 5.13
CA THR B 11 9.19 18.69 5.58
C THR B 11 9.06 18.86 7.10
N THR B 12 8.23 18.05 7.74
CA THR B 12 8.09 18.02 9.20
C THR B 12 9.21 17.19 9.81
N LYS B 13 9.58 16.14 9.11
CA LYS B 13 10.60 15.21 9.55
C LYS B 13 11.99 15.82 9.49
N HIS B 14 12.30 16.54 8.41
CA HIS B 14 13.64 17.10 8.20
C HIS B 14 13.52 18.60 8.12
N ASP B 15 14.60 19.30 8.41
CA ASP B 15 14.62 20.78 8.36
C ASP B 15 15.12 21.24 6.97
N PHE B 16 14.22 21.70 6.10
CA PHE B 16 14.57 22.14 4.73
C PHE B 16 14.75 23.66 4.57
N LYS B 17 14.79 24.39 5.69
CA LYS B 17 14.93 25.85 5.69
C LYS B 17 16.14 26.28 4.87
N ALA B 18 17.31 25.72 5.21
CA ALA B 18 18.54 26.07 4.51
C ALA B 18 18.42 25.80 3.01
N MET B 19 17.80 24.66 2.65
CA MET B 19 17.60 24.35 1.23
C MET B 19 16.67 25.36 0.53
N HIS B 20 15.53 25.71 1.16
CA HIS B 20 14.57 26.64 0.55
C HIS B 20 15.19 28.02 0.35
N ASP B 21 15.95 28.45 1.36
CA ASP B 21 16.66 29.75 1.36
C ASP B 21 17.64 29.78 0.21
N PHE B 22 18.44 28.72 0.09
CA PHE B 22 19.40 28.58 -0.99
C PHE B 22 18.70 28.62 -2.36
N LEU B 23 17.59 27.88 -2.49
CA LEU B 23 16.93 27.82 -3.81
C LEU B 23 16.27 29.15 -4.15
N GLU B 24 15.69 29.83 -3.15
CA GLU B 24 15.16 31.19 -3.39
C GLU B 24 16.26 32.13 -3.91
N LYS B 25 17.43 32.06 -3.28
CA LYS B 25 18.63 32.79 -3.70
C LYS B 25 19.07 32.44 -5.15
N GLU B 26 19.18 31.14 -5.45
CA GLU B 26 19.62 30.68 -6.74
C GLU B 26 18.66 31.12 -7.81
N TYR B 27 17.37 30.93 -7.61
CA TYR B 27 16.40 31.38 -8.61
C TYR B 27 16.42 32.89 -8.86
N SER B 28 16.91 33.67 -7.88
CA SER B 28 16.94 35.15 -7.94
C SER B 28 18.21 35.68 -8.58
N THR B 29 19.30 34.92 -8.42
CA THR B 29 20.62 35.43 -8.82
C THR B 29 21.28 34.64 -9.94
N ALA B 30 20.76 33.44 -10.24
CA ALA B 30 21.31 32.55 -11.27
C ALA B 30 20.24 32.02 -12.23
N ILE B 31 20.65 31.20 -13.20
CA ILE B 31 19.67 30.61 -14.08
C ILE B 31 19.56 29.16 -13.59
N VAL B 32 18.39 28.85 -13.05
CA VAL B 32 18.10 27.51 -12.49
C VAL B 32 17.02 26.83 -13.32
N TYR B 33 17.24 25.53 -13.57
CA TYR B 33 16.29 24.70 -14.29
C TYR B 33 15.79 23.56 -13.44
N PRO B 34 14.56 23.07 -13.70
CA PRO B 34 13.58 23.62 -14.64
C PRO B 34 12.99 24.95 -14.15
N ASP B 35 12.09 25.51 -14.96
CA ASP B 35 11.32 26.73 -14.50
C ASP B 35 10.71 26.36 -13.13
N ARG B 36 10.72 27.32 -12.22
CA ARG B 36 10.26 27.02 -10.84
C ARG B 36 8.86 26.37 -10.78
N GLU B 37 7.97 26.75 -11.68
CA GLU B 37 6.62 26.22 -11.69
C GLU B 37 6.60 24.74 -12.06
N ASN B 38 7.70 24.26 -12.61
CA ASN B 38 7.77 22.88 -13.08
C ASN B 38 8.60 21.94 -12.20
N ILE B 39 9.11 22.42 -11.07
CA ILE B 39 10.05 21.60 -10.25
C ILE B 39 9.33 20.30 -9.88
N TYR B 40 8.02 20.35 -9.57
CA TYR B 40 7.28 19.11 -9.20
C TYR B 40 6.34 18.62 -10.29
N GLN B 41 6.66 18.86 -11.57
CA GLN B 41 5.77 18.44 -12.64
C GLN B 41 5.48 16.92 -12.63
N ALA B 42 6.49 16.12 -12.25
CA ALA B 42 6.30 14.66 -12.22
C ALA B 42 5.15 14.32 -11.26
N PHE B 43 5.09 15.07 -10.15
CA PHE B 43 4.08 14.81 -9.11
C PHE B 43 2.71 15.34 -9.56
N ASP B 44 2.74 16.52 -10.20
CA ASP B 44 1.51 17.13 -10.71
C ASP B 44 0.84 16.19 -11.75
N LEU B 45 1.66 15.61 -12.66
CA LEU B 45 1.09 14.79 -13.72
C LEU B 45 0.81 13.33 -13.31
N THR B 46 1.47 12.89 -12.23
CA THR B 46 1.29 11.53 -11.69
C THR B 46 0.94 11.61 -10.19
N PRO B 47 -0.35 11.85 -9.92
CA PRO B 47 -0.82 11.83 -8.52
C PRO B 47 -0.48 10.52 -7.89
N PHE B 48 -0.29 10.56 -6.58
CA PHE B 48 0.17 9.37 -5.87
C PHE B 48 -0.70 8.14 -6.15
N GLU B 49 -2.03 8.33 -6.19
CA GLU B 49 -2.94 7.20 -6.45
C GLU B 49 -2.77 6.60 -7.85
N ASN B 50 -2.20 7.39 -8.79
CA ASN B 50 -2.07 6.92 -10.17
C ASN B 50 -0.73 6.22 -10.46
N ILE B 51 0.18 6.16 -9.50
CA ILE B 51 1.51 5.65 -9.82
C ILE B 51 1.43 4.18 -10.11
N LYS B 52 1.95 3.80 -11.27
CA LYS B 52 2.11 2.38 -11.60
C LYS B 52 3.60 2.01 -11.78
N VAL B 53 4.38 2.99 -12.26
CA VAL B 53 5.80 2.75 -12.54
C VAL B 53 6.58 3.92 -11.97
N VAL B 54 7.76 3.68 -11.37
CA VAL B 54 8.66 4.76 -11.01
C VAL B 54 9.94 4.57 -11.79
N ILE B 55 10.36 5.60 -12.50
CA ILE B 55 11.67 5.58 -13.19
C ILE B 55 12.52 6.66 -12.56
N LEU B 56 13.69 6.28 -12.03
CA LEU B 56 14.56 7.27 -11.42
C LEU B 56 15.52 7.87 -12.43
N GLY B 57 15.67 9.18 -12.35
CA GLY B 57 16.72 9.88 -13.12
C GLY B 57 17.81 10.43 -12.22
N GLN B 58 18.60 11.37 -12.80
CA GLN B 58 19.70 11.97 -12.11
C GLN B 58 19.27 13.38 -11.71
N ASP B 59 19.92 14.41 -12.27
CA ASP B 59 19.45 15.78 -12.05
C ASP B 59 18.85 16.29 -13.40
N PRO B 60 18.20 17.46 -13.39
CA PRO B 60 17.56 17.91 -14.63
C PRO B 60 18.57 18.27 -15.72
N TYR B 61 18.14 18.13 -16.96
CA TYR B 61 18.91 18.67 -18.06
C TYR B 61 19.19 20.14 -17.80
N HIS B 62 20.35 20.62 -18.26
CA HIS B 62 20.85 21.93 -17.75
C HIS B 62 20.99 23.02 -18.80
N GLY B 63 20.37 22.80 -19.94
CA GLY B 63 20.38 23.83 -20.98
C GLY B 63 19.05 24.51 -21.12
N PRO B 64 19.05 25.68 -21.77
CA PRO B 64 17.81 26.39 -21.98
C PRO B 64 16.76 25.56 -22.68
N ASN B 65 15.55 25.63 -22.15
CA ASN B 65 14.40 25.10 -22.85
C ASN B 65 14.44 23.57 -22.94
N GLN B 66 15.16 22.91 -22.01
CA GLN B 66 15.20 21.44 -22.02
C GLN B 66 14.34 20.81 -20.93
N ALA B 67 14.78 20.95 -19.68
CA ALA B 67 14.08 20.29 -18.57
C ALA B 67 12.73 20.94 -18.30
N HIS B 68 11.80 20.13 -17.78
CA HIS B 68 10.52 20.67 -17.40
C HIS B 68 9.91 19.82 -16.28
N GLY B 69 10.76 19.17 -15.45
CA GLY B 69 10.25 18.56 -14.24
C GLY B 69 9.96 17.08 -14.34
N LEU B 70 10.25 16.46 -15.48
CA LEU B 70 10.17 14.98 -15.63
C LEU B 70 11.55 14.43 -15.93
N ALA B 71 11.93 13.35 -15.24
CA ALA B 71 13.15 12.65 -15.60
C ALA B 71 13.12 12.21 -17.09
N PHE B 72 14.28 12.40 -17.75
CA PHE B 72 14.50 11.95 -19.14
C PHE B 72 13.75 12.66 -20.21
N SER B 73 12.96 13.67 -19.90
CA SER B 73 12.11 14.33 -20.87
C SER B 73 12.67 15.70 -21.16
N VAL B 74 12.48 16.13 -22.42
CA VAL B 74 12.73 17.57 -22.70
C VAL B 74 11.51 18.17 -23.37
N GLN B 75 11.53 19.51 -23.51
CA GLN B 75 10.43 20.22 -24.16
C GLN B 75 10.34 19.77 -25.62
N PRO B 76 9.13 19.83 -26.19
CA PRO B 76 8.86 19.10 -27.43
C PRO B 76 9.77 19.50 -28.59
N ASN B 77 10.22 20.76 -28.65
CA ASN B 77 11.16 21.15 -29.71
C ASN B 77 12.67 21.10 -29.42
N ALA B 78 13.04 20.53 -28.27
CA ALA B 78 14.43 20.51 -27.81
C ALA B 78 15.13 19.30 -28.48
N LYS B 79 16.45 19.36 -28.56
CA LYS B 79 17.27 18.23 -29.05
C LYS B 79 17.07 17.01 -28.13
N PHE B 80 16.99 15.82 -28.73
CA PHE B 80 16.91 14.60 -27.94
C PHE B 80 18.17 14.44 -27.13
N PRO B 81 18.01 14.21 -25.84
CA PRO B 81 19.12 13.64 -25.09
C PRO B 81 19.53 12.28 -25.64
N PRO B 82 20.83 12.00 -25.70
CA PRO B 82 21.25 10.67 -26.20
C PRO B 82 20.63 9.51 -25.41
N SER B 83 20.54 9.65 -24.08
CA SER B 83 19.94 8.56 -23.28
C SER B 83 18.48 8.35 -23.67
N LEU B 84 17.77 9.42 -24.02
CA LEU B 84 16.35 9.28 -24.39
C LEU B 84 16.22 8.65 -25.78
N ARG B 85 17.10 9.04 -26.68
CA ARG B 85 17.17 8.33 -27.95
C ARG B 85 17.33 6.83 -27.72
N ASN B 86 18.24 6.43 -26.79
CA ASN B 86 18.42 4.98 -26.52
C ASN B 86 17.20 4.36 -25.87
N MET B 87 16.54 5.11 -24.96
CA MET B 87 15.29 4.61 -24.37
C MET B 87 14.26 4.36 -25.46
N TYR B 88 14.19 5.25 -26.47
CA TYR B 88 13.23 5.07 -27.56
C TYR B 88 13.64 3.95 -28.47
N LYS B 89 14.95 3.76 -28.69
CA LYS B 89 15.35 2.61 -29.56
C LYS B 89 14.94 1.30 -28.90
N GLU B 90 15.19 1.21 -27.60
CA GLU B 90 14.78 -0.01 -26.89
C GLU B 90 13.26 -0.21 -26.90
N LEU B 91 12.51 0.88 -26.69
CA LEU B 91 11.06 0.85 -26.76
C LEU B 91 10.61 0.29 -28.12
N ALA B 92 11.25 0.78 -29.18
CA ALA B 92 10.92 0.34 -30.58
C ALA B 92 11.27 -1.12 -30.84
N ASP B 93 12.26 -1.62 -30.11
CA ASP B 93 12.64 -3.04 -30.23
C ASP B 93 11.79 -3.95 -29.31
N ASP B 94 11.34 -3.40 -28.17
CA ASP B 94 10.65 -4.16 -27.12
C ASP B 94 9.15 -4.18 -27.36
N ILE B 95 8.52 -3.02 -27.22
CA ILE B 95 7.08 -2.91 -27.44
C ILE B 95 6.79 -2.85 -28.92
N GLY B 96 7.72 -2.30 -29.72
CA GLY B 96 7.50 -2.26 -31.18
C GLY B 96 6.84 -1.00 -31.72
N CYS B 97 6.85 0.07 -30.95
CA CYS B 97 6.31 1.34 -31.45
C CYS B 97 7.38 2.41 -31.39
N VAL B 98 7.24 3.41 -32.25
CA VAL B 98 8.16 4.54 -32.25
C VAL B 98 7.54 5.82 -31.72
N ARG B 99 8.32 6.57 -30.99
CA ARG B 99 7.87 7.85 -30.51
C ARG B 99 8.66 8.92 -31.26
N GLN B 100 7.98 10.01 -31.61
CA GLN B 100 8.54 11.09 -32.45
C GLN B 100 9.06 12.29 -31.69
N THR B 101 8.50 12.54 -30.51
CA THR B 101 8.89 13.73 -29.78
C THR B 101 9.57 13.32 -28.49
N PRO B 102 10.50 14.17 -28.00
CA PRO B 102 11.30 13.77 -26.84
C PRO B 102 10.64 14.18 -25.51
N HIS B 103 9.31 14.26 -25.52
CA HIS B 103 8.53 14.77 -24.35
C HIS B 103 7.74 13.61 -23.72
N LEU B 104 7.78 13.48 -22.39
CA LEU B 104 7.24 12.30 -21.75
C LEU B 104 6.01 12.61 -20.88
N GLN B 105 5.31 13.73 -21.15
CA GLN B 105 4.12 14.00 -20.34
C GLN B 105 3.08 12.90 -20.50
N ASP B 106 3.00 12.22 -21.66
CA ASP B 106 2.03 11.15 -21.78
C ASP B 106 2.36 9.95 -20.89
N TRP B 107 3.63 9.59 -20.75
CA TRP B 107 4.02 8.55 -19.77
C TRP B 107 3.58 8.97 -18.38
N ALA B 108 3.81 10.21 -18.01
CA ALA B 108 3.48 10.65 -16.65
C ALA B 108 1.95 10.47 -16.48
N ARG B 109 1.17 10.92 -17.46
CA ARG B 109 -0.30 10.76 -17.37
C ARG B 109 -0.76 9.30 -17.27
N GLU B 110 -0.04 8.38 -17.93
CA GLU B 110 -0.30 6.95 -17.84
C GLU B 110 0.01 6.35 -16.47
N GLY B 111 0.70 7.08 -15.63
CA GLY B 111 1.10 6.55 -14.30
C GLY B 111 2.59 6.31 -14.14
N VAL B 112 3.43 6.84 -15.04
CA VAL B 112 4.89 6.70 -14.85
C VAL B 112 5.42 7.93 -14.09
N LEU B 113 5.83 7.73 -12.83
CA LEU B 113 6.43 8.81 -12.01
C LEU B 113 7.91 8.96 -12.47
N LEU B 114 8.19 10.06 -13.16
CA LEU B 114 9.48 10.29 -13.77
C LEU B 114 10.31 11.16 -12.82
N LEU B 115 10.97 10.48 -11.87
CA LEU B 115 11.52 11.13 -10.70
C LEU B 115 13.02 11.28 -10.81
N ASN B 116 13.50 12.52 -11.01
CA ASN B 116 14.92 12.81 -10.86
C ASN B 116 15.21 12.73 -9.36
N THR B 117 16.42 12.30 -9.03
CA THR B 117 16.80 12.30 -7.61
C THR B 117 17.20 13.68 -7.07
N VAL B 118 17.63 14.57 -7.97
CA VAL B 118 17.93 15.95 -7.65
C VAL B 118 17.02 16.77 -8.57
N LEU B 119 16.31 17.78 -8.03
CA LEU B 119 15.16 18.35 -8.77
C LEU B 119 15.47 19.74 -9.38
N THR B 120 16.68 20.26 -9.17
CA THR B 120 17.07 21.55 -9.77
C THR B 120 18.52 21.48 -10.20
N VAL B 121 18.93 22.43 -11.03
CA VAL B 121 20.34 22.50 -11.47
C VAL B 121 20.61 23.92 -12.01
N ARG B 122 21.83 24.40 -11.88
CA ARG B 122 22.19 25.66 -12.54
C ARG B 122 22.48 25.42 -14.01
N GLN B 123 22.07 26.35 -14.87
CA GLN B 123 22.35 26.29 -16.28
C GLN B 123 23.83 25.90 -16.57
N GLY B 124 24.00 24.89 -17.42
CA GLY B 124 25.30 24.47 -17.93
C GLY B 124 26.18 23.79 -16.91
N GLU B 125 25.65 23.50 -15.71
CA GLU B 125 26.51 22.98 -14.63
C GLU B 125 25.94 21.69 -14.06
N ALA B 126 26.23 20.57 -14.71
CA ALA B 126 25.70 19.32 -14.21
C ALA B 126 26.08 19.10 -12.76
N ASN B 127 25.12 18.54 -11.99
CA ASN B 127 25.32 18.21 -10.58
C ASN B 127 25.52 19.44 -9.67
N SER B 128 25.27 20.66 -10.18
CA SER B 128 25.50 21.85 -9.34
C SER B 128 24.62 21.93 -8.09
N HIS B 129 23.45 21.26 -8.12
CA HIS B 129 22.61 21.22 -6.90
C HIS B 129 22.58 19.87 -6.24
N ARG B 130 23.61 19.06 -6.47
CA ARG B 130 23.80 17.89 -5.61
C ARG B 130 24.08 18.27 -4.17
N ASP B 131 23.63 17.40 -3.26
CA ASP B 131 23.96 17.55 -1.83
C ASP B 131 23.49 18.86 -1.18
N ILE B 132 22.36 19.40 -1.65
CA ILE B 132 21.72 20.54 -1.00
C ILE B 132 20.44 20.15 -0.20
N GLY B 133 20.07 18.87 -0.25
CA GLY B 133 18.83 18.41 0.40
C GLY B 133 17.93 17.62 -0.51
N TRP B 134 18.15 17.67 -1.83
CA TRP B 134 17.17 17.03 -2.69
C TRP B 134 17.18 15.51 -2.51
N GLU B 135 18.37 14.94 -2.28
CA GLU B 135 18.49 13.48 -2.16
C GLU B 135 17.72 13.02 -0.92
N THR B 136 17.74 13.80 0.17
CA THR B 136 16.96 13.42 1.36
C THR B 136 15.48 13.41 0.97
N PHE B 137 15.03 14.47 0.30
CA PHE B 137 13.66 14.57 -0.16
C PHE B 137 13.25 13.42 -1.09
N THR B 138 14.03 13.17 -2.16
CA THR B 138 13.64 12.13 -3.10
C THR B 138 13.80 10.72 -2.51
N ASP B 139 14.77 10.49 -1.61
CA ASP B 139 14.79 9.21 -0.87
C ASP B 139 13.47 9.02 -0.13
N GLU B 140 12.99 10.09 0.53
CA GLU B 140 11.72 9.96 1.27
C GLU B 140 10.53 9.74 0.34
N ILE B 141 10.58 10.34 -0.86
CA ILE B 141 9.54 10.07 -1.86
C ILE B 141 9.54 8.60 -2.26
N ILE B 142 10.73 8.06 -2.57
CA ILE B 142 10.79 6.66 -2.95
C ILE B 142 10.22 5.75 -1.85
N LYS B 143 10.66 6.03 -0.62
CA LYS B 143 10.22 5.25 0.56
C LYS B 143 8.69 5.36 0.72
N ALA B 144 8.11 6.54 0.49
CA ALA B 144 6.64 6.73 0.62
C ALA B 144 5.91 5.94 -0.42
N VAL B 145 6.40 5.95 -1.66
CA VAL B 145 5.78 5.14 -2.70
C VAL B 145 5.80 3.64 -2.32
N SER B 146 6.97 3.17 -1.86
CA SER B 146 7.09 1.78 -1.49
C SER B 146 6.15 1.48 -0.29
N ASP B 147 6.15 2.38 0.70
CA ASP B 147 5.42 2.08 1.96
C ASP B 147 3.91 2.09 1.70
N TYR B 148 3.42 3.11 1.00
CA TYR B 148 1.94 3.32 0.97
C TYR B 148 1.23 2.75 -0.25
N LYS B 149 1.97 2.34 -1.29
CA LYS B 149 1.37 1.68 -2.43
C LYS B 149 1.64 0.19 -2.36
N GLU B 150 0.94 -0.56 -3.21
CA GLU B 150 1.29 -1.98 -3.46
C GLU B 150 1.39 -2.17 -4.94
N HIS B 151 2.29 -3.07 -5.37
CA HIS B 151 2.29 -3.52 -6.78
C HIS B 151 2.64 -2.42 -7.75
N VAL B 152 3.70 -1.67 -7.43
CA VAL B 152 4.30 -0.68 -8.36
C VAL B 152 5.57 -1.27 -8.96
N VAL B 153 5.94 -0.84 -10.16
CA VAL B 153 7.19 -1.26 -10.76
C VAL B 153 8.21 -0.14 -10.61
N PHE B 154 9.36 -0.45 -10.01
CA PHE B 154 10.48 0.50 -9.94
C PHE B 154 11.54 0.12 -10.95
N ILE B 155 11.84 1.04 -11.86
CA ILE B 155 12.82 0.77 -12.93
C ILE B 155 14.06 1.55 -12.56
N LEU B 156 15.13 0.79 -12.27
CA LEU B 156 16.37 1.38 -11.72
C LEU B 156 17.49 1.17 -12.72
N TRP B 157 17.79 2.23 -13.48
CA TRP B 157 18.79 2.19 -14.56
C TRP B 157 20.08 2.82 -14.03
N GLY B 158 21.16 2.03 -13.99
CA GLY B 158 22.46 2.52 -13.48
C GLY B 158 22.67 2.15 -12.02
N LYS B 159 23.93 1.97 -11.66
CA LYS B 159 24.21 1.57 -10.29
C LYS B 159 23.76 2.60 -9.24
N PRO B 160 23.89 3.92 -9.50
CA PRO B 160 23.38 4.85 -8.44
C PRO B 160 21.89 4.68 -8.16
N ALA B 161 21.08 4.49 -9.20
CA ALA B 161 19.63 4.26 -8.99
C ALA B 161 19.42 2.97 -8.22
N GLN B 162 20.23 1.97 -8.50
CA GLN B 162 20.07 0.68 -7.83
C GLN B 162 20.42 0.73 -6.34
N GLN B 163 21.12 1.78 -5.92
CA GLN B 163 21.35 1.98 -4.47
C GLN B 163 20.02 2.20 -3.74
N LYS B 164 18.97 2.57 -4.47
CA LYS B 164 17.68 2.82 -3.85
C LYS B 164 16.89 1.54 -3.57
N ILE B 165 17.44 0.40 -3.95
CA ILE B 165 16.76 -0.90 -3.71
C ILE B 165 16.46 -1.04 -2.23
N LYS B 166 17.35 -0.53 -1.38
CA LYS B 166 17.14 -0.64 0.06
C LYS B 166 15.91 0.12 0.57
N LEU B 167 15.38 1.02 -0.24
CA LEU B 167 14.20 1.78 0.16
C LEU B 167 12.91 1.09 -0.31
N ILE B 168 13.03 0.01 -1.07
CA ILE B 168 11.85 -0.54 -1.78
C ILE B 168 11.54 -1.95 -1.26
N ASP B 169 10.27 -2.22 -0.95
CA ASP B 169 9.88 -3.52 -0.37
C ASP B 169 9.59 -4.48 -1.53
N THR B 170 10.52 -5.40 -1.77
CA THR B 170 10.43 -6.27 -2.97
C THR B 170 9.39 -7.38 -2.79
N SER B 171 8.81 -7.47 -1.59
CA SER B 171 7.68 -8.35 -1.39
C SER B 171 6.36 -7.79 -1.91
N LYS B 172 6.30 -6.46 -2.08
CA LYS B 172 5.11 -5.77 -2.55
C LYS B 172 5.25 -5.21 -3.93
N HIS B 173 6.49 -5.03 -4.39
CA HIS B 173 6.75 -4.25 -5.61
C HIS B 173 7.70 -5.00 -6.52
N CYS B 174 7.71 -4.62 -7.80
CA CYS B 174 8.58 -5.22 -8.79
C CYS B 174 9.75 -4.28 -9.03
N ILE B 175 10.96 -4.82 -9.03
CA ILE B 175 12.16 -4.03 -9.39
C ILE B 175 12.71 -4.56 -10.70
N ILE B 176 12.83 -3.67 -11.67
CA ILE B 176 13.50 -3.95 -12.92
C ILE B 176 14.78 -3.15 -12.91
N LYS B 177 15.88 -3.85 -13.12
CA LYS B 177 17.15 -3.15 -13.08
C LYS B 177 18.04 -3.46 -14.27
N SER B 178 18.83 -2.49 -14.69
CA SER B 178 19.84 -2.76 -15.72
C SER B 178 20.84 -1.65 -15.73
N VAL B 179 21.85 -1.77 -16.58
CA VAL B 179 22.70 -0.63 -16.82
C VAL B 179 21.84 0.54 -17.41
N HIS B 180 22.46 1.73 -17.41
CA HIS B 180 21.78 2.95 -17.81
C HIS B 180 21.66 3.04 -19.35
N PRO B 181 20.66 3.78 -19.82
CA PRO B 181 20.53 3.94 -21.29
C PRO B 181 21.52 4.93 -21.94
N SER B 182 22.38 5.59 -21.17
CA SER B 182 23.42 6.44 -21.79
C SER B 182 24.21 5.62 -22.79
N PRO B 183 24.65 6.24 -23.89
CA PRO B 183 25.61 5.62 -24.82
C PRO B 183 26.82 4.98 -24.15
N LEU B 184 27.24 5.50 -22.99
CA LEU B 184 28.42 4.95 -22.28
C LEU B 184 28.21 3.58 -21.65
N SER B 185 26.96 3.17 -21.50
CA SER B 185 26.63 1.87 -20.92
C SER B 185 25.57 1.06 -21.64
N ALA B 186 24.82 1.67 -22.58
CA ALA B 186 23.64 0.98 -23.12
C ALA B 186 23.95 -0.36 -23.77
N TYR B 187 25.12 -0.50 -24.41
CA TYR B 187 25.38 -1.70 -25.18
C TYR B 187 25.82 -2.86 -24.28
N ARG B 188 26.00 -2.60 -23.01
CA ARG B 188 26.29 -3.74 -22.09
C ARG B 188 25.13 -4.10 -21.17
N GLY B 189 23.92 -4.02 -21.70
CA GLY B 189 22.77 -4.66 -21.05
C GLY B 189 21.50 -3.82 -21.05
N PHE B 190 21.57 -2.55 -21.51
CA PHE B 190 20.30 -1.81 -21.66
C PHE B 190 19.52 -2.29 -22.87
N PHE B 191 20.19 -2.33 -24.04
CA PHE B 191 19.50 -2.84 -25.22
C PHE B 191 19.25 -4.32 -24.99
N GLY B 192 18.03 -4.72 -25.34
CA GLY B 192 17.54 -6.08 -25.12
C GLY B 192 16.95 -6.33 -23.75
N SER B 193 17.01 -5.32 -22.89
CA SER B 193 16.53 -5.50 -21.48
C SER B 193 15.01 -5.49 -21.32
N LYS B 194 14.30 -4.99 -22.35
CA LYS B 194 12.85 -5.04 -22.40
C LYS B 194 12.16 -4.51 -21.11
N PRO B 195 12.53 -3.31 -20.63
CA PRO B 195 11.93 -2.84 -19.36
C PRO B 195 10.44 -2.53 -19.49
N TYR B 196 10.01 -2.15 -20.69
CA TYR B 196 8.66 -1.68 -20.89
C TYR B 196 7.66 -2.83 -20.89
N SER B 197 8.02 -3.91 -21.58
CA SER B 197 7.15 -5.08 -21.61
C SER B 197 7.25 -5.83 -20.29
N LYS B 198 8.44 -5.83 -19.66
CA LYS B 198 8.56 -6.46 -18.31
C LYS B 198 7.62 -5.72 -17.31
N ALA B 199 7.60 -4.38 -17.39
CA ALA B 199 6.77 -3.63 -16.47
C ALA B 199 5.29 -4.02 -16.75
N ASN B 200 4.88 -4.05 -18.02
CA ASN B 200 3.48 -4.34 -18.33
C ASN B 200 3.05 -5.76 -17.99
N THR B 201 3.95 -6.72 -18.17
CA THR B 201 3.70 -8.10 -17.75
C THR B 201 3.47 -8.13 -16.25
N TYR B 202 4.30 -7.44 -15.48
CA TYR B 202 4.06 -7.44 -14.05
C TYR B 202 2.70 -6.77 -13.70
N LEU B 203 2.43 -5.60 -14.32
CA LEU B 203 1.15 -4.91 -14.02
C LEU B 203 -0.04 -5.84 -14.34
N GLU B 204 -0.06 -6.47 -15.53
CA GLU B 204 -1.14 -7.38 -15.85
C GLU B 204 -1.26 -8.53 -14.85
N SER B 205 -0.11 -9.01 -14.38
CA SER B 205 -0.11 -10.14 -13.41
C SER B 205 -0.78 -9.78 -12.06
N VAL B 206 -0.81 -8.50 -11.73
CA VAL B 206 -1.46 -8.05 -10.51
C VAL B 206 -2.78 -7.34 -10.77
N GLY B 207 -3.32 -7.49 -11.99
CA GLY B 207 -4.67 -7.01 -12.28
C GLY B 207 -4.77 -5.55 -12.64
N LYS B 208 -3.63 -4.95 -12.97
CA LYS B 208 -3.61 -3.56 -13.38
C LYS B 208 -3.51 -3.49 -14.88
N SER B 209 -4.07 -2.41 -15.44
CA SER B 209 -3.93 -2.23 -16.87
C SER B 209 -2.47 -1.75 -17.22
N PRO B 210 -1.98 -2.13 -18.39
CA PRO B 210 -0.60 -1.82 -18.76
C PRO B 210 -0.43 -0.32 -19.04
N ILE B 211 0.82 0.12 -18.98
CA ILE B 211 1.20 1.43 -19.55
C ILE B 211 1.08 1.40 -21.08
N ASN B 212 0.40 2.43 -21.63
CA ASN B 212 0.56 2.68 -23.04
C ASN B 212 1.82 3.54 -23.23
N TRP B 213 2.93 2.90 -23.65
CA TRP B 213 4.20 3.62 -23.83
C TRP B 213 4.30 4.41 -25.12
N CYS B 214 3.40 4.13 -26.07
CA CYS B 214 3.48 4.67 -27.37
C CYS B 214 2.82 6.03 -27.37
N GLU B 215 2.89 6.69 -28.53
CA GLU B 215 2.36 8.02 -28.68
C GLU B 215 0.86 8.06 -28.99
N SER B 216 0.05 7.64 -28.00
CA SER B 216 -1.42 7.88 -27.94
C SER B 216 -1.94 8.70 -29.10
#